data_5Q14
#
_entry.id   5Q14
#
_cell.length_a   72.060
_cell.length_b   84.460
_cell.length_c   191.880
_cell.angle_alpha   90.000
_cell.angle_beta   90.000
_cell.angle_gamma   90.000
#
_symmetry.space_group_name_H-M   'C 2 2 21'
#
loop_
_entity.id
_entity.type
_entity.pdbx_description
1 polymer 'Bile acid receptor'
2 polymer 'COACTIVATOR PEPTIDE SRC-1 HD3'
3 non-polymer '4-{(2S)-2-[2-(4-chlorophenyl)-5,6-difluoro-1H-benzimidazol-1-yl]-2-cyclohexylethoxy}-3-fluorobenzoic acid'
4 water water
#
loop_
_entity_poly.entity_id
_entity_poly.type
_entity_poly.pdbx_seq_one_letter_code
_entity_poly.pdbx_strand_id
1 'polypeptide(L)'
;GSHMELTPDQQTLLHFIMDSYNKQRMPQEITNKILKEAFSAEENFLILTEMATNHVQVLVEFTKKLPGFQTLDHEDQIAL
LKGSAVEAMFLRSAEIFNKKLPSGHSDLLEARIRNSGISDEYITPMFSFYKSIGELKMTQEEYALLTAIVILSPDRQYIK
DREAVEKLQEPLLDVLQKLCKIHQPENPQHFACLLGRLTELRTFNHHHAEMLMSWRVNDHKFTPLLCEIWDVQ
;
A,C
2 'polypeptide(L)' KDHQLLRYLLDKDE B,D
#
loop_
_chem_comp.id
_chem_comp.type
_chem_comp.name
_chem_comp.formula
9MM non-polymer '4-{(2S)-2-[2-(4-chlorophenyl)-5,6-difluoro-1H-benzimidazol-1-yl]-2-cyclohexylethoxy}-3-fluorobenzoic acid' 'C28 H24 Cl F3 N2 O3'
#
# COMPACT_ATOMS: atom_id res chain seq x y z
N MET A 4 36.31 -28.78 19.41
CA MET A 4 35.99 -27.36 19.49
C MET A 4 35.98 -26.73 18.09
N GLU A 5 37.19 -26.55 17.50
CA GLU A 5 37.45 -26.00 16.17
C GLU A 5 37.05 -27.03 15.10
N LEU A 6 36.83 -26.57 13.86
CA LEU A 6 36.55 -27.49 12.75
C LEU A 6 37.82 -28.28 12.44
N THR A 7 37.67 -29.54 12.07
CA THR A 7 38.78 -30.42 11.69
C THR A 7 39.08 -30.12 10.22
N PRO A 8 40.22 -30.57 9.61
CA PRO A 8 40.42 -30.31 8.18
C PRO A 8 39.30 -30.87 7.29
N ASP A 9 38.73 -32.05 7.62
CA ASP A 9 37.62 -32.66 6.87
C ASP A 9 36.38 -31.77 6.93
N GLN A 10 36.12 -31.17 8.10
CA GLN A 10 34.97 -30.29 8.27
C GLN A 10 35.16 -28.99 7.50
N GLN A 11 36.40 -28.45 7.47
CA GLN A 11 36.71 -27.24 6.72
C GLN A 11 36.49 -27.51 5.22
N THR A 12 36.89 -28.70 4.73
CA THR A 12 36.72 -29.15 3.35
C THR A 12 35.22 -29.21 3.04
N LEU A 13 34.43 -29.81 3.95
CA LEU A 13 32.98 -29.93 3.80
C LEU A 13 32.33 -28.56 3.72
N LEU A 14 32.70 -27.65 4.65
CA LEU A 14 32.17 -26.29 4.68
C LEU A 14 32.43 -25.51 3.39
N HIS A 15 33.69 -25.50 2.88
CA HIS A 15 33.97 -24.74 1.64
C HIS A 15 33.26 -25.31 0.43
N PHE A 16 33.09 -26.64 0.38
CA PHE A 16 32.40 -27.33 -0.71
C PHE A 16 30.90 -26.97 -0.71
N ILE A 17 30.26 -26.96 0.46
CA ILE A 17 28.86 -26.59 0.61
C ILE A 17 28.68 -25.11 0.21
N MET A 18 29.60 -24.23 0.69
CA MET A 18 29.58 -22.80 0.36
C MET A 18 29.68 -22.54 -1.14
N ASP A 19 30.64 -23.20 -1.82
CA ASP A 19 30.85 -23.06 -3.26
C ASP A 19 29.60 -23.46 -4.03
N SER A 20 28.95 -24.57 -3.60
CA SER A 20 27.71 -25.08 -4.21
C SER A 20 26.58 -24.11 -3.95
N TYR A 21 26.46 -23.61 -2.70
CA TYR A 21 25.43 -22.67 -2.31
C TYR A 21 25.55 -21.33 -3.05
N ASN A 22 26.79 -20.88 -3.32
CA ASN A 22 27.05 -19.60 -4.01
C ASN A 22 26.71 -19.59 -5.52
N LYS A 23 26.25 -20.71 -6.09
CA LYS A 23 25.85 -20.79 -7.51
C LYS A 23 24.45 -20.18 -7.76
N GLN A 24 23.81 -19.66 -6.69
CA GLN A 24 22.49 -19.05 -6.69
C GLN A 24 22.49 -17.60 -7.19
N ARG A 25 21.28 -17.06 -7.45
CA ARG A 25 21.13 -15.66 -7.85
C ARG A 25 21.52 -14.81 -6.66
N MET A 26 22.32 -13.75 -6.89
CA MET A 26 22.75 -12.86 -5.81
C MET A 26 21.54 -12.15 -5.20
N PRO A 27 21.45 -12.02 -3.84
CA PRO A 27 20.27 -11.34 -3.25
C PRO A 27 20.02 -9.95 -3.84
N GLN A 28 21.11 -9.21 -4.14
CA GLN A 28 21.08 -7.86 -4.72
C GLN A 28 20.24 -7.82 -6.01
N GLU A 29 20.39 -8.84 -6.88
CA GLU A 29 19.66 -8.99 -8.14
C GLU A 29 18.15 -9.01 -7.90
N ILE A 30 17.70 -9.86 -6.95
CA ILE A 30 16.29 -10.01 -6.58
C ILE A 30 15.71 -8.72 -5.97
N THR A 31 16.40 -8.13 -4.97
CA THR A 31 15.92 -6.93 -4.28
C THR A 31 15.96 -5.69 -5.17
N ASN A 32 16.97 -5.57 -6.07
CA ASN A 32 17.08 -4.43 -6.99
C ASN A 32 15.86 -4.38 -7.92
N LYS A 33 15.43 -5.55 -8.41
CA LYS A 33 14.26 -5.75 -9.27
C LYS A 33 12.97 -5.30 -8.57
N ILE A 34 12.76 -5.73 -7.33
CA ILE A 34 11.57 -5.40 -6.53
C ILE A 34 11.58 -3.94 -6.11
N LEU A 35 12.75 -3.36 -5.77
CA LEU A 35 12.86 -1.96 -5.33
C LEU A 35 12.79 -0.94 -6.46
N LYS A 36 13.22 -1.32 -7.68
CA LYS A 36 13.28 -0.45 -8.86
C LYS A 36 11.95 0.24 -9.18
N GLU A 37 10.88 -0.55 -9.27
CA GLU A 37 9.55 -0.05 -9.61
C GLU A 37 8.49 -0.99 -9.06
N ALA A 38 7.28 -0.46 -8.85
CA ALA A 38 6.17 -1.29 -8.38
C ALA A 38 5.53 -1.96 -9.59
N PHE A 39 5.09 -3.20 -9.42
CA PHE A 39 4.45 -3.95 -10.50
C PHE A 39 3.03 -4.31 -10.09
N SER A 40 2.21 -4.72 -11.06
CA SER A 40 0.85 -5.15 -10.77
C SER A 40 0.90 -6.53 -10.13
N ALA A 41 -0.22 -6.97 -9.53
CA ALA A 41 -0.32 -8.30 -8.94
C ALA A 41 -0.08 -9.38 -10.01
N GLU A 42 -0.53 -9.11 -11.26
CA GLU A 42 -0.36 -9.99 -12.42
CA GLU A 42 -0.36 -9.99 -12.42
C GLU A 42 1.11 -10.09 -12.80
N GLU A 43 1.82 -8.96 -12.82
CA GLU A 43 3.25 -8.92 -13.15
C GLU A 43 4.06 -9.62 -12.06
N ASN A 44 3.71 -9.39 -10.77
CA ASN A 44 4.40 -10.01 -9.63
C ASN A 44 4.19 -11.52 -9.58
N PHE A 45 2.99 -12.00 -9.98
CA PHE A 45 2.70 -13.43 -10.03
C PHE A 45 3.64 -14.14 -10.99
N LEU A 46 3.85 -13.55 -12.17
CA LEU A 46 4.74 -14.10 -13.19
C LEU A 46 6.20 -14.03 -12.75
N ILE A 47 6.60 -12.91 -12.09
CA ILE A 47 7.95 -12.74 -11.52
C ILE A 47 8.16 -13.89 -10.52
N LEU A 48 7.16 -14.13 -9.65
CA LEU A 48 7.22 -15.20 -8.65
C LEU A 48 7.41 -16.57 -9.29
N THR A 49 6.57 -16.93 -10.28
CA THR A 49 6.66 -18.25 -10.91
C THR A 49 8.01 -18.45 -11.62
N GLU A 50 8.57 -17.39 -12.26
CA GLU A 50 9.90 -17.41 -12.91
C GLU A 50 10.99 -17.69 -11.87
N MET A 51 11.00 -16.89 -10.78
CA MET A 51 11.97 -17.00 -9.69
C MET A 51 11.89 -18.35 -8.99
N ALA A 52 10.66 -18.85 -8.74
CA ALA A 52 10.43 -20.13 -8.08
C ALA A 52 10.90 -21.29 -8.94
N THR A 53 10.66 -21.22 -10.27
CA THR A 53 11.11 -22.24 -11.22
C THR A 53 12.64 -22.28 -11.21
N ASN A 54 13.30 -21.11 -11.27
CA ASN A 54 14.77 -21.04 -11.24
C ASN A 54 15.29 -21.58 -9.91
N HIS A 55 14.64 -21.23 -8.80
CA HIS A 55 15.08 -21.71 -7.48
C HIS A 55 15.09 -23.27 -7.41
N VAL A 56 14.03 -23.93 -7.92
CA VAL A 56 13.92 -25.41 -7.93
C VAL A 56 15.09 -26.01 -8.74
N GLN A 57 15.35 -25.44 -9.94
CA GLN A 57 16.41 -25.93 -10.82
C GLN A 57 17.78 -25.86 -10.12
N VAL A 58 18.08 -24.73 -9.50
CA VAL A 58 19.32 -24.49 -8.75
C VAL A 58 19.39 -25.42 -7.52
N LEU A 59 18.25 -25.61 -6.83
CA LEU A 59 18.18 -26.48 -5.67
C LEU A 59 18.51 -27.93 -6.00
N VAL A 60 18.01 -28.45 -7.13
CA VAL A 60 18.29 -29.82 -7.56
C VAL A 60 19.80 -29.98 -7.79
N GLU A 61 20.47 -28.98 -8.42
CA GLU A 61 21.92 -29.04 -8.64
C GLU A 61 22.70 -28.98 -7.32
N PHE A 62 22.25 -28.15 -6.37
CA PHE A 62 22.85 -28.04 -5.02
C PHE A 62 22.71 -29.38 -4.27
N THR A 63 21.51 -29.97 -4.32
CA THR A 63 21.17 -31.25 -3.68
C THR A 63 22.02 -32.40 -4.22
N LYS A 64 22.18 -32.47 -5.54
CA LYS A 64 22.99 -33.50 -6.20
C LYS A 64 24.45 -33.46 -5.77
N LYS A 65 24.93 -32.27 -5.37
CA LYS A 65 26.31 -32.10 -4.92
C LYS A 65 26.49 -32.44 -3.45
N LEU A 66 25.39 -32.56 -2.66
CA LEU A 66 25.52 -32.90 -1.24
C LEU A 66 26.19 -34.26 -1.05
N PRO A 67 27.28 -34.34 -0.25
CA PRO A 67 27.98 -35.62 -0.09
C PRO A 67 27.07 -36.79 0.26
N GLY A 68 27.17 -37.82 -0.55
CA GLY A 68 26.41 -39.05 -0.40
C GLY A 68 25.01 -39.03 -0.97
N PHE A 69 24.47 -37.87 -1.37
CA PHE A 69 23.10 -37.81 -1.90
C PHE A 69 22.83 -38.77 -3.06
N GLN A 70 23.76 -38.87 -4.02
CA GLN A 70 23.56 -39.71 -5.19
C GLN A 70 23.73 -41.21 -4.88
N THR A 71 24.17 -41.56 -3.65
CA THR A 71 24.30 -42.97 -3.23
C THR A 71 22.96 -43.46 -2.69
N LEU A 72 22.05 -42.53 -2.33
CA LEU A 72 20.74 -42.84 -1.79
C LEU A 72 19.82 -43.52 -2.81
N ASP A 73 18.83 -44.27 -2.29
CA ASP A 73 17.76 -44.90 -3.06
C ASP A 73 17.11 -43.79 -3.91
N HIS A 74 16.86 -44.06 -5.20
CA HIS A 74 16.31 -43.06 -6.13
C HIS A 74 14.94 -42.52 -5.72
N GLU A 75 14.05 -43.38 -5.18
CA GLU A 75 12.74 -42.93 -4.72
C GLU A 75 12.89 -42.01 -3.50
N ASP A 76 13.87 -42.31 -2.64
CA ASP A 76 14.16 -41.49 -1.45
C ASP A 76 14.71 -40.13 -1.86
N GLN A 77 15.49 -40.10 -2.96
CA GLN A 77 16.05 -38.85 -3.49
C GLN A 77 14.93 -37.91 -3.87
N ILE A 78 13.92 -38.45 -4.60
CA ILE A 78 12.73 -37.70 -5.03
C ILE A 78 11.96 -37.23 -3.80
N ALA A 79 11.76 -38.12 -2.80
CA ALA A 79 11.03 -37.78 -1.57
C ALA A 79 11.73 -36.62 -0.83
N LEU A 80 13.09 -36.63 -0.81
CA LEU A 80 13.84 -35.57 -0.12
C LEU A 80 13.73 -34.24 -0.83
N LEU A 81 13.91 -34.23 -2.17
CA LEU A 81 13.80 -33.01 -2.95
C LEU A 81 12.40 -32.43 -2.88
N LYS A 82 11.37 -33.27 -3.12
CA LYS A 82 9.97 -32.85 -3.07
C LYS A 82 9.58 -32.36 -1.66
N GLY A 83 10.08 -33.03 -0.63
CA GLY A 83 9.74 -32.66 0.73
C GLY A 83 10.38 -31.36 1.21
N SER A 84 11.51 -30.95 0.62
CA SER A 84 12.25 -29.77 1.06
C SER A 84 12.24 -28.54 0.14
N ALA A 85 11.84 -28.70 -1.12
CA ALA A 85 11.89 -27.61 -2.11
C ALA A 85 11.25 -26.28 -1.67
N VAL A 86 10.02 -26.32 -1.13
CA VAL A 86 9.26 -25.17 -0.64
C VAL A 86 9.93 -24.56 0.57
N GLU A 87 10.28 -25.38 1.58
CA GLU A 87 10.98 -24.91 2.77
C GLU A 87 12.30 -24.22 2.38
N ALA A 88 13.05 -24.80 1.43
CA ALA A 88 14.31 -24.22 1.01
C ALA A 88 14.09 -22.87 0.35
N MET A 89 13.03 -22.73 -0.45
CA MET A 89 12.72 -21.44 -1.06
C MET A 89 12.39 -20.37 -0.01
N PHE A 90 11.59 -20.71 1.00
CA PHE A 90 11.29 -19.75 2.08
C PHE A 90 12.49 -19.42 2.93
N LEU A 91 13.41 -20.37 3.12
CA LEU A 91 14.64 -20.08 3.87
C LEU A 91 15.51 -19.11 3.06
N ARG A 92 15.61 -19.31 1.74
CA ARG A 92 16.37 -18.41 0.87
C ARG A 92 15.70 -17.02 0.83
N SER A 93 14.35 -16.96 0.84
CA SER A 93 13.61 -15.69 0.85
C SER A 93 13.92 -14.93 2.16
N ALA A 94 14.00 -15.66 3.30
CA ALA A 94 14.33 -15.08 4.60
C ALA A 94 15.74 -14.51 4.59
N GLU A 95 16.71 -15.23 3.99
CA GLU A 95 18.09 -14.78 3.85
C GLU A 95 18.12 -13.48 3.07
N ILE A 96 17.45 -13.45 1.91
CA ILE A 96 17.37 -12.27 1.04
C ILE A 96 16.73 -11.12 1.80
N PHE A 97 15.61 -11.35 2.50
CA PHE A 97 14.91 -10.31 3.25
C PHE A 97 15.77 -9.66 4.35
N ASN A 98 16.65 -10.42 4.98
CA ASN A 98 17.48 -9.94 6.08
C ASN A 98 18.88 -9.42 5.68
N LYS A 99 19.18 -9.40 4.37
CA LYS A 99 20.46 -8.86 3.85
C LYS A 99 20.38 -7.33 4.03
N LYS A 100 21.40 -6.74 4.68
CA LYS A 100 21.46 -5.30 4.97
C LYS A 100 21.43 -4.44 3.69
N LEU A 101 20.48 -3.49 3.65
CA LEU A 101 20.29 -2.57 2.52
C LEU A 101 20.42 -1.12 2.98
N PRO A 102 20.57 -0.11 2.06
CA PRO A 102 20.63 1.30 2.54
C PRO A 102 19.35 1.71 3.27
N SER A 103 19.42 2.78 4.08
CA SER A 103 18.29 3.30 4.88
C SER A 103 16.97 3.39 4.09
N GLY A 104 15.90 2.87 4.68
CA GLY A 104 14.55 2.88 4.09
C GLY A 104 14.24 1.80 3.06
N HIS A 105 15.26 1.19 2.45
CA HIS A 105 15.11 0.16 1.40
C HIS A 105 14.40 -1.12 1.87
N SER A 106 14.75 -1.65 3.06
CA SER A 106 14.10 -2.86 3.59
C SER A 106 12.61 -2.63 3.88
N ASP A 107 12.26 -1.41 4.33
CA ASP A 107 10.88 -1.00 4.54
C ASP A 107 10.11 -0.96 3.21
N LEU A 108 10.73 -0.40 2.14
CA LEU A 108 10.12 -0.36 0.82
C LEU A 108 9.97 -1.76 0.25
N LEU A 109 11.00 -2.62 0.44
CA LEU A 109 11.00 -4.01 0.02
C LEU A 109 9.84 -4.77 0.69
N GLU A 110 9.68 -4.59 2.00
CA GLU A 110 8.58 -5.22 2.76
C GLU A 110 7.22 -4.74 2.24
N ALA A 111 7.05 -3.42 2.07
CA ALA A 111 5.83 -2.81 1.55
C ALA A 111 5.50 -3.32 0.13
N ARG A 112 6.51 -3.46 -0.73
CA ARG A 112 6.32 -3.97 -2.10
C ARG A 112 5.85 -5.43 -2.11
N ILE A 113 6.41 -6.28 -1.24
CA ILE A 113 6.04 -7.70 -1.10
C ILE A 113 4.64 -7.80 -0.48
N ARG A 114 4.36 -6.96 0.53
CA ARG A 114 3.06 -6.90 1.21
C ARG A 114 1.93 -6.62 0.21
N ASN A 115 2.20 -5.81 -0.83
CA ASN A 115 1.23 -5.41 -1.87
C ASN A 115 1.45 -6.09 -3.21
N SER A 116 2.20 -7.20 -3.21
CA SER A 116 2.54 -7.92 -4.44
C SER A 116 1.37 -8.70 -5.07
N GLY A 117 0.31 -8.94 -4.32
CA GLY A 117 -0.85 -9.70 -4.76
C GLY A 117 -1.16 -10.88 -3.85
N ILE A 118 -0.20 -11.22 -2.96
CA ILE A 118 -0.31 -12.29 -1.96
C ILE A 118 -1.48 -11.94 -0.97
N SER A 119 -2.28 -12.95 -0.59
CA SER A 119 -3.42 -12.80 0.33
C SER A 119 -3.00 -12.41 1.73
N ASP A 120 -3.84 -11.61 2.41
CA ASP A 120 -3.65 -11.08 3.77
C ASP A 120 -3.33 -12.12 4.83
N GLU A 121 -3.97 -13.30 4.75
CA GLU A 121 -3.85 -14.45 5.64
C GLU A 121 -2.42 -15.02 5.70
N TYR A 122 -1.71 -14.94 4.56
CA TYR A 122 -0.37 -15.49 4.40
C TYR A 122 0.74 -14.47 4.60
N ILE A 123 0.42 -13.16 4.50
CA ILE A 123 1.36 -12.04 4.66
C ILE A 123 2.06 -12.04 6.01
N THR A 124 1.26 -11.86 7.10
CA THR A 124 1.75 -11.78 8.47
CA THR A 124 1.75 -11.78 8.47
C THR A 124 2.61 -13.00 8.84
N PRO A 125 2.13 -14.29 8.70
CA PRO A 125 3.02 -15.42 9.07
C PRO A 125 4.35 -15.48 8.32
N MET A 126 4.32 -15.09 7.04
CA MET A 126 5.53 -15.05 6.20
C MET A 126 6.58 -14.07 6.77
N PHE A 127 6.18 -12.80 7.03
CA PHE A 127 7.07 -11.78 7.57
C PHE A 127 7.49 -12.09 9.00
N SER A 128 6.61 -12.76 9.79
CA SER A 128 6.93 -13.19 11.16
C SER A 128 8.08 -14.19 11.11
N PHE A 129 8.02 -15.14 10.16
CA PHE A 129 9.10 -16.09 9.97
C PHE A 129 10.39 -15.40 9.50
N TYR A 130 10.31 -14.47 8.52
CA TYR A 130 11.50 -13.75 8.04
C TYR A 130 12.14 -12.94 9.16
N LYS A 131 11.32 -12.27 9.98
CA LYS A 131 11.85 -11.44 11.06
C LYS A 131 12.43 -12.29 12.21
N SER A 132 11.85 -13.49 12.47
CA SER A 132 12.36 -14.42 13.50
C SER A 132 13.70 -15.02 13.07
N ILE A 133 13.85 -15.33 11.76
CA ILE A 133 15.11 -15.81 11.16
C ILE A 133 16.16 -14.70 11.30
N GLY A 134 15.75 -13.47 10.99
CA GLY A 134 16.62 -12.29 11.05
C GLY A 134 17.23 -11.99 12.40
N GLU A 135 16.49 -12.29 13.48
CA GLU A 135 16.94 -12.06 14.86
C GLU A 135 18.14 -12.94 15.22
N LEU A 136 18.27 -14.11 14.54
CA LEU A 136 19.40 -15.03 14.74
C LEU A 136 20.70 -14.48 14.20
N LYS A 137 20.62 -13.49 13.27
CA LYS A 137 21.76 -12.84 12.61
C LYS A 137 22.72 -13.90 12.04
N MET A 138 22.15 -14.81 11.26
CA MET A 138 22.87 -15.92 10.64
C MET A 138 23.89 -15.46 9.63
N THR A 139 25.03 -16.18 9.57
CA THR A 139 26.10 -15.93 8.59
C THR A 139 25.72 -16.67 7.32
N GLN A 140 26.41 -16.41 6.21
CA GLN A 140 26.17 -17.11 4.94
C GLN A 140 26.37 -18.64 5.09
N GLU A 141 27.39 -19.03 5.89
CA GLU A 141 27.74 -20.43 6.13
C GLU A 141 26.62 -21.14 6.89
N GLU A 142 25.98 -20.42 7.83
CA GLU A 142 24.85 -20.96 8.58
C GLU A 142 23.64 -21.19 7.67
N TYR A 143 23.36 -20.24 6.75
CA TYR A 143 22.27 -20.40 5.78
C TYR A 143 22.51 -21.60 4.88
N ALA A 144 23.73 -21.74 4.36
CA ALA A 144 24.08 -22.84 3.46
C ALA A 144 23.94 -24.20 4.15
N LEU A 145 24.50 -24.32 5.36
CA LEU A 145 24.43 -25.57 6.14
C LEU A 145 23.00 -25.85 6.55
N LEU A 146 22.28 -24.83 6.97
CA LEU A 146 20.87 -25.04 7.34
C LEU A 146 20.03 -25.53 6.16
N THR A 147 20.29 -25.00 4.93
CA THR A 147 19.60 -25.44 3.71
C THR A 147 19.90 -26.93 3.46
N ALA A 148 21.17 -27.33 3.54
CA ALA A 148 21.59 -28.72 3.36
C ALA A 148 20.92 -29.65 4.40
N ILE A 149 20.81 -29.19 5.67
CA ILE A 149 20.16 -29.92 6.77
C ILE A 149 18.65 -30.10 6.51
N VAL A 150 17.98 -29.05 5.97
CA VAL A 150 16.56 -29.08 5.60
C VAL A 150 16.34 -30.15 4.50
N ILE A 151 17.20 -30.15 3.48
CA ILE A 151 17.11 -31.11 2.36
C ILE A 151 17.31 -32.53 2.86
N LEU A 152 18.35 -32.74 3.68
CA LEU A 152 18.69 -34.06 4.23
C LEU A 152 17.93 -34.38 5.53
N SER A 153 16.61 -34.11 5.54
CA SER A 153 15.76 -34.40 6.69
C SER A 153 15.33 -35.85 6.62
N PRO A 154 15.78 -36.67 7.59
CA PRO A 154 15.44 -38.11 7.54
C PRO A 154 13.98 -38.41 7.87
N ASP A 155 13.29 -37.52 8.60
CA ASP A 155 11.91 -37.72 8.99
C ASP A 155 10.89 -37.17 7.97
N ARG A 156 11.30 -37.02 6.70
CA ARG A 156 10.44 -36.61 5.60
C ARG A 156 9.46 -37.75 5.24
N GLN A 157 8.25 -37.39 4.76
CA GLN A 157 7.23 -38.37 4.39
C GLN A 157 7.67 -39.17 3.16
N TYR A 158 7.43 -40.49 3.20
CA TYR A 158 7.70 -41.51 2.17
C TYR A 158 9.15 -42.03 2.16
N ILE A 159 10.05 -41.52 3.05
CA ILE A 159 11.43 -42.03 3.11
C ILE A 159 11.43 -43.47 3.59
N LYS A 160 11.99 -44.38 2.77
CA LYS A 160 12.07 -45.80 3.09
C LYS A 160 13.22 -46.07 4.07
N ASP A 161 14.41 -45.50 3.78
CA ASP A 161 15.62 -45.71 4.58
C ASP A 161 16.07 -44.42 5.29
N ARG A 162 15.56 -44.24 6.53
CA ARG A 162 15.83 -43.10 7.40
C ARG A 162 17.29 -42.99 7.79
N GLU A 163 17.88 -44.15 8.19
CA GLU A 163 19.26 -44.24 8.66
C GLU A 163 20.25 -43.75 7.62
N ALA A 164 20.02 -44.09 6.32
CA ALA A 164 20.86 -43.66 5.22
C ALA A 164 20.89 -42.10 5.15
N VAL A 165 19.72 -41.48 5.36
CA VAL A 165 19.59 -40.02 5.33
C VAL A 165 20.23 -39.43 6.60
N GLU A 166 20.00 -40.06 7.78
CA GLU A 166 20.55 -39.65 9.08
C GLU A 166 22.07 -39.54 9.00
N LYS A 167 22.72 -40.55 8.39
CA LYS A 167 24.16 -40.62 8.21
C LYS A 167 24.72 -39.47 7.41
N LEU A 168 23.96 -38.95 6.43
CA LEU A 168 24.39 -37.84 5.59
C LEU A 168 24.15 -36.48 6.23
N GLN A 169 23.08 -36.36 7.02
CA GLN A 169 22.73 -35.14 7.72
C GLN A 169 23.64 -34.90 8.93
N GLU A 170 24.03 -35.97 9.65
CA GLU A 170 24.85 -35.92 10.86
C GLU A 170 26.12 -35.07 10.74
N PRO A 171 27.03 -35.24 9.75
CA PRO A 171 28.20 -34.36 9.68
C PRO A 171 27.89 -32.88 9.44
N LEU A 172 26.79 -32.57 8.73
CA LEU A 172 26.36 -31.20 8.48
C LEU A 172 25.90 -30.54 9.77
N LEU A 173 25.15 -31.28 10.60
CA LEU A 173 24.72 -30.82 11.93
C LEU A 173 25.93 -30.58 12.83
N ASP A 174 26.96 -31.46 12.77
CA ASP A 174 28.19 -31.31 13.55
C ASP A 174 28.95 -30.05 13.17
N VAL A 175 29.08 -29.75 11.86
CA VAL A 175 29.75 -28.53 11.37
C VAL A 175 28.94 -27.31 11.82
N LEU A 176 27.61 -27.33 11.61
CA LEU A 176 26.76 -26.22 12.00
C LEU A 176 26.87 -25.90 13.49
N GLN A 177 26.84 -26.94 14.36
CA GLN A 177 26.95 -26.78 15.81
C GLN A 177 28.26 -26.10 16.20
N LYS A 178 29.39 -26.53 15.57
CA LYS A 178 30.71 -25.94 15.82
C LYS A 178 30.73 -24.47 15.42
N LEU A 179 30.18 -24.15 14.23
CA LEU A 179 30.09 -22.78 13.72
C LEU A 179 29.27 -21.88 14.63
N CYS A 180 28.15 -22.39 15.17
CA CYS A 180 27.28 -21.66 16.11
C CYS A 180 28.05 -21.28 17.37
N LYS A 181 28.89 -22.20 17.88
CA LYS A 181 29.74 -22.00 19.06
C LYS A 181 30.86 -20.98 18.80
N ILE A 182 31.32 -20.87 17.54
CA ILE A 182 32.38 -19.96 17.10
C ILE A 182 31.83 -18.56 16.80
N HIS A 183 30.80 -18.46 15.95
CA HIS A 183 30.16 -17.19 15.56
C HIS A 183 29.40 -16.52 16.71
N GLN A 184 28.83 -17.33 17.63
CA GLN A 184 28.07 -16.82 18.77
C GLN A 184 28.44 -17.55 20.08
N PRO A 185 29.67 -17.36 20.63
CA PRO A 185 30.01 -18.04 21.90
C PRO A 185 29.22 -17.52 23.10
N GLU A 186 28.68 -16.28 22.99
CA GLU A 186 27.87 -15.63 24.02
C GLU A 186 26.47 -16.25 24.15
N ASN A 187 25.95 -16.81 23.04
CA ASN A 187 24.62 -17.41 22.99
C ASN A 187 24.72 -18.94 22.79
N PRO A 188 24.70 -19.72 23.90
CA PRO A 188 24.78 -21.18 23.77
C PRO A 188 23.50 -21.82 23.23
N GLN A 189 22.45 -21.01 23.03
CA GLN A 189 21.15 -21.46 22.51
C GLN A 189 21.06 -21.28 21.00
N HIS A 190 22.07 -20.63 20.38
CA HIS A 190 22.06 -20.33 18.96
C HIS A 190 21.76 -21.54 18.09
N PHE A 191 22.48 -22.67 18.32
CA PHE A 191 22.27 -23.89 17.54
C PHE A 191 20.85 -24.45 17.72
N ALA A 192 20.37 -24.57 18.97
CA ALA A 192 19.02 -25.06 19.27
C ALA A 192 17.97 -24.17 18.59
N CYS A 193 18.18 -22.85 18.62
CA CYS A 193 17.28 -21.89 17.98
CA CYS A 193 17.25 -21.93 18.00
C CYS A 193 17.17 -22.14 16.49
N LEU A 194 18.34 -22.42 15.82
CA LEU A 194 18.38 -22.69 14.39
C LEU A 194 17.55 -23.91 14.07
N LEU A 195 17.71 -24.98 14.88
CA LEU A 195 16.96 -26.22 14.67
C LEU A 195 15.44 -26.01 14.90
N GLY A 196 15.10 -25.14 15.84
CA GLY A 196 13.70 -24.79 16.16
C GLY A 196 13.02 -24.06 15.02
N ARG A 197 13.76 -23.16 14.36
CA ARG A 197 13.27 -22.44 13.18
C ARG A 197 12.89 -23.41 12.03
N LEU A 198 13.61 -24.56 11.91
CA LEU A 198 13.31 -25.61 10.94
C LEU A 198 11.92 -26.22 11.15
N THR A 199 11.49 -26.33 12.42
CA THR A 199 10.14 -26.81 12.75
C THR A 199 9.12 -25.74 12.32
N GLU A 200 9.44 -24.45 12.55
CA GLU A 200 8.57 -23.33 12.15
C GLU A 200 8.43 -23.27 10.60
N LEU A 201 9.52 -23.61 9.86
CA LEU A 201 9.56 -23.65 8.38
C LEU A 201 8.54 -24.64 7.85
N ARG A 202 8.40 -25.80 8.53
CA ARG A 202 7.48 -26.86 8.12
C ARG A 202 6.01 -26.41 8.01
N THR A 203 5.57 -25.41 8.81
CA THR A 203 4.18 -24.91 8.71
C THR A 203 3.88 -24.18 7.37
N PHE A 204 4.93 -23.86 6.56
CA PHE A 204 4.75 -23.25 5.25
C PHE A 204 4.33 -24.25 4.18
N ASN A 205 4.55 -25.54 4.41
CA ASN A 205 4.14 -26.59 3.47
C ASN A 205 2.65 -26.83 3.52
N HIS A 206 2.06 -26.60 4.69
CA HIS A 206 0.64 -26.80 4.96
C HIS A 206 -0.22 -25.96 4.02
N HIS A 207 0.17 -24.71 3.75
CA HIS A 207 -0.59 -23.80 2.88
C HIS A 207 0.20 -23.22 1.67
N HIS A 208 1.37 -23.81 1.28
CA HIS A 208 2.13 -23.26 0.13
C HIS A 208 1.33 -23.23 -1.18
N ALA A 209 0.56 -24.29 -1.50
CA ALA A 209 -0.26 -24.31 -2.73
C ALA A 209 -1.30 -23.17 -2.72
N GLU A 210 -1.95 -22.94 -1.56
CA GLU A 210 -2.93 -21.89 -1.33
C GLU A 210 -2.33 -20.50 -1.51
N MET A 211 -1.05 -20.30 -1.11
CA MET A 211 -0.37 -19.00 -1.28
C MET A 211 -0.28 -18.63 -2.75
N LEU A 212 -0.13 -19.65 -3.62
CA LEU A 212 -0.08 -19.44 -5.05
C LEU A 212 -1.47 -19.29 -5.61
N MET A 213 -2.41 -20.20 -5.23
CA MET A 213 -3.78 -20.17 -5.73
C MET A 213 -4.59 -18.94 -5.31
N SER A 214 -4.29 -18.36 -4.15
CA SER A 214 -5.04 -17.19 -3.66
C SER A 214 -4.43 -15.83 -4.10
N TRP A 215 -3.35 -15.85 -4.91
CA TRP A 215 -2.73 -14.64 -5.44
C TRP A 215 -3.82 -13.84 -6.18
N ARG A 216 -3.91 -12.54 -5.89
CA ARG A 216 -4.94 -11.63 -6.41
C ARG A 216 -4.81 -11.35 -7.92
N VAL A 217 -4.98 -12.40 -8.73
CA VAL A 217 -4.94 -12.40 -10.19
C VAL A 217 -6.14 -13.22 -10.70
N ASN A 218 -6.52 -13.03 -11.98
CA ASN A 218 -7.66 -13.71 -12.61
C ASN A 218 -7.35 -15.16 -13.03
N ASP A 219 -6.10 -15.42 -13.44
CA ASP A 219 -5.61 -16.71 -13.92
C ASP A 219 -4.32 -17.08 -13.20
N HIS A 220 -4.19 -18.36 -12.78
CA HIS A 220 -2.99 -18.79 -12.08
C HIS A 220 -2.22 -19.83 -12.92
N LYS A 221 -1.42 -19.33 -13.87
CA LYS A 221 -0.64 -20.15 -14.79
C LYS A 221 0.68 -20.53 -14.11
N PHE A 222 1.02 -21.83 -14.14
CA PHE A 222 2.24 -22.37 -13.54
C PHE A 222 3.03 -23.18 -14.54
N THR A 223 4.33 -23.30 -14.31
CA THR A 223 5.20 -24.07 -15.20
C THR A 223 5.03 -25.55 -14.84
N PRO A 224 5.17 -26.51 -15.78
CA PRO A 224 5.04 -27.93 -15.40
C PRO A 224 5.93 -28.37 -14.23
N LEU A 225 7.18 -27.82 -14.14
CA LEU A 225 8.08 -28.14 -13.03
C LEU A 225 7.51 -27.63 -11.70
N LEU A 226 6.97 -26.38 -11.69
CA LEU A 226 6.36 -25.82 -10.47
C LEU A 226 5.16 -26.60 -10.02
N CYS A 227 4.31 -27.06 -10.97
CA CYS A 227 3.14 -27.88 -10.66
C CYS A 227 3.55 -29.13 -9.88
N GLU A 228 4.68 -29.77 -10.26
CA GLU A 228 5.20 -30.96 -9.59
C GLU A 228 5.69 -30.69 -8.17
N ILE A 229 6.33 -29.55 -7.98
CA ILE A 229 6.95 -29.23 -6.70
C ILE A 229 5.99 -28.56 -5.72
N TRP A 230 5.10 -27.68 -6.21
CA TRP A 230 4.18 -26.92 -5.34
C TRP A 230 2.79 -27.51 -5.17
N ASP A 231 2.47 -28.61 -5.90
CA ASP A 231 1.17 -29.30 -5.85
C ASP A 231 0.01 -28.40 -6.27
N VAL A 232 0.18 -27.74 -7.41
CA VAL A 232 -0.80 -26.85 -8.06
C VAL A 232 -1.04 -27.39 -9.47
N GLN A 233 -2.15 -27.00 -10.13
CA GLN A 233 -2.48 -27.49 -11.48
C GLN A 233 -2.21 -26.44 -12.53
N ASP B 2 3.47 -37.51 -11.49
CA ASP B 2 4.29 -38.52 -10.82
C ASP B 2 5.78 -38.12 -10.78
N HIS B 3 6.03 -36.81 -10.55
CA HIS B 3 7.34 -36.16 -10.45
C HIS B 3 8.28 -36.52 -11.60
N GLN B 4 7.74 -36.56 -12.84
CA GLN B 4 8.48 -36.91 -14.04
C GLN B 4 9.66 -35.96 -14.34
N LEU B 5 9.44 -34.63 -14.19
CA LEU B 5 10.47 -33.62 -14.44
C LEU B 5 11.55 -33.62 -13.36
N LEU B 6 11.13 -33.78 -12.08
CA LEU B 6 12.06 -33.86 -10.95
C LEU B 6 12.96 -35.09 -11.14
N ARG B 7 12.35 -36.24 -11.54
CA ARG B 7 13.08 -37.50 -11.80
CA ARG B 7 13.08 -37.50 -11.80
C ARG B 7 14.12 -37.29 -12.89
N TYR B 8 13.72 -36.61 -13.98
CA TYR B 8 14.62 -36.30 -15.09
C TYR B 8 15.79 -35.40 -14.65
N LEU B 9 15.49 -34.36 -13.86
CA LEU B 9 16.53 -33.44 -13.37
C LEU B 9 17.51 -34.16 -12.43
N LEU B 10 17.01 -35.12 -11.65
CA LEU B 10 17.82 -35.92 -10.74
C LEU B 10 18.69 -36.95 -11.43
N ASP B 11 18.16 -37.59 -12.50
CA ASP B 11 18.85 -38.67 -13.20
C ASP B 11 19.73 -38.24 -14.38
N LYS B 12 19.66 -36.97 -14.83
CA LYS B 12 20.48 -36.49 -15.95
C LYS B 12 21.98 -36.34 -15.57
N ASP B 13 22.88 -36.40 -16.56
CA ASP B 13 24.34 -36.27 -16.45
C ASP B 13 24.97 -37.27 -15.48
N MET C 4 -6.18 -3.06 1.64
CA MET C 4 -7.43 -3.79 1.46
C MET C 4 -8.18 -3.26 0.22
N GLU C 5 -8.69 -4.19 -0.62
CA GLU C 5 -9.43 -3.86 -1.85
C GLU C 5 -10.84 -3.37 -1.51
N LEU C 6 -11.44 -2.56 -2.41
CA LEU C 6 -12.82 -2.12 -2.22
C LEU C 6 -13.72 -3.34 -2.46
N THR C 7 -14.83 -3.40 -1.73
CA THR C 7 -15.83 -4.45 -1.89
C THR C 7 -16.73 -4.00 -3.06
N PRO C 8 -17.59 -4.85 -3.67
CA PRO C 8 -18.49 -4.36 -4.74
C PRO C 8 -19.39 -3.21 -4.27
N ASP C 9 -19.89 -3.24 -3.00
CA ASP C 9 -20.73 -2.17 -2.43
C ASP C 9 -19.95 -0.86 -2.35
N GLN C 10 -18.66 -0.93 -1.99
CA GLN C 10 -17.82 0.27 -1.91
C GLN C 10 -17.54 0.86 -3.28
N GLN C 11 -17.37 0.00 -4.30
CA GLN C 11 -17.16 0.37 -5.69
C GLN C 11 -18.41 1.10 -6.20
N THR C 12 -19.61 0.60 -5.83
CA THR C 12 -20.91 1.20 -6.15
C THR C 12 -21.04 2.59 -5.50
N LEU C 13 -20.66 2.69 -4.21
CA LEU C 13 -20.67 3.95 -3.46
C LEU C 13 -19.74 4.97 -4.13
N LEU C 14 -18.51 4.55 -4.47
CA LEU C 14 -17.51 5.39 -5.12
C LEU C 14 -18.01 5.95 -6.46
N HIS C 15 -18.56 5.13 -7.36
CA HIS C 15 -19.05 5.65 -8.66
C HIS C 15 -20.23 6.60 -8.51
N PHE C 16 -21.10 6.38 -7.51
CA PHE C 16 -22.25 7.23 -7.22
C PHE C 16 -21.79 8.62 -6.73
N ILE C 17 -20.80 8.65 -5.82
CA ILE C 17 -20.23 9.91 -5.31
C ILE C 17 -19.55 10.66 -6.45
N MET C 18 -18.79 9.94 -7.29
CA MET C 18 -18.10 10.51 -8.46
C MET C 18 -19.06 11.15 -9.45
N ASP C 19 -20.15 10.44 -9.81
CA ASP C 19 -21.18 10.93 -10.74
C ASP C 19 -21.79 12.22 -10.22
N SER C 20 -22.09 12.26 -8.90
CA SER C 20 -22.65 13.43 -8.24
CA SER C 20 -22.65 13.43 -8.23
C SER C 20 -21.63 14.58 -8.24
N TYR C 21 -20.37 14.27 -7.90
CA TYR C 21 -19.28 15.26 -7.87
C TYR C 21 -18.97 15.86 -9.25
N ASN C 22 -19.08 15.04 -10.32
CA ASN C 22 -18.81 15.46 -11.70
C ASN C 22 -19.83 16.45 -12.30
N LYS C 23 -20.91 16.80 -11.56
CA LYS C 23 -21.94 17.75 -12.02
C LYS C 23 -21.47 19.21 -11.90
N GLN C 24 -20.22 19.42 -11.46
CA GLN C 24 -19.58 20.72 -11.26
C GLN C 24 -19.04 21.36 -12.52
N ARG C 25 -18.72 22.67 -12.43
CA ARG C 25 -18.09 23.42 -13.53
C ARG C 25 -16.71 22.84 -13.73
N MET C 26 -16.32 22.59 -14.98
CA MET C 26 -15.02 22.03 -15.31
C MET C 26 -13.91 23.02 -14.90
N PRO C 27 -12.81 22.54 -14.28
CA PRO C 27 -11.74 23.46 -13.86
C PRO C 27 -11.23 24.36 -14.99
N GLN C 28 -11.15 23.81 -16.22
CA GLN C 28 -10.72 24.49 -17.44
C GLN C 28 -11.52 25.78 -17.66
N GLU C 29 -12.85 25.74 -17.44
CA GLU C 29 -13.78 26.87 -17.58
C GLU C 29 -13.35 28.03 -16.67
N ILE C 30 -13.12 27.74 -15.37
CA ILE C 30 -12.68 28.71 -14.37
C ILE C 30 -11.30 29.33 -14.69
N THR C 31 -10.29 28.49 -14.97
CA THR C 31 -8.93 28.95 -15.26
C THR C 31 -8.81 29.68 -16.60
N ASN C 32 -9.59 29.25 -17.62
CA ASN C 32 -9.59 29.92 -18.94
C ASN C 32 -10.05 31.37 -18.81
N LYS C 33 -11.08 31.60 -17.98
CA LYS C 33 -11.66 32.91 -17.67
C LYS C 33 -10.62 33.84 -17.02
N ILE C 34 -9.92 33.32 -16.01
CA ILE C 34 -8.90 34.10 -15.28
C ILE C 34 -7.64 34.34 -16.13
N LEU C 35 -7.24 33.37 -16.97
CA LEU C 35 -6.05 33.49 -17.82
C LEU C 35 -6.25 34.36 -19.06
N LYS C 36 -7.49 34.42 -19.59
CA LYS C 36 -7.85 35.14 -20.81
C LYS C 36 -7.44 36.62 -20.79
N GLU C 37 -7.83 37.33 -19.72
CA GLU C 37 -7.53 38.75 -19.57
C GLU C 37 -7.52 39.13 -18.11
N ALA C 38 -6.81 40.21 -17.78
CA ALA C 38 -6.76 40.70 -16.40
C ALA C 38 -7.99 41.59 -16.18
N PHE C 39 -8.55 41.52 -14.97
CA PHE C 39 -9.72 42.31 -14.61
C PHE C 39 -9.37 43.24 -13.45
N SER C 40 -10.22 44.25 -13.19
CA SER C 40 -10.05 45.16 -12.07
C SER C 40 -10.45 44.42 -10.78
N ALA C 41 -10.12 45.00 -9.60
CA ALA C 41 -10.49 44.40 -8.32
C ALA C 41 -12.01 44.37 -8.17
N GLU C 42 -12.70 45.38 -8.75
CA GLU C 42 -14.16 45.52 -8.77
C GLU C 42 -14.77 44.39 -9.63
N GLU C 43 -14.17 44.13 -10.82
CA GLU C 43 -14.64 43.08 -11.72
C GLU C 43 -14.40 41.70 -11.10
N ASN C 44 -13.23 41.50 -10.46
CA ASN C 44 -12.88 40.23 -9.80
C ASN C 44 -13.77 39.92 -8.59
N PHE C 45 -14.22 40.97 -7.87
CA PHE C 45 -15.11 40.77 -6.72
C PHE C 45 -16.46 40.20 -7.17
N LEU C 46 -16.98 40.70 -8.30
CA LEU C 46 -18.23 40.24 -8.89
C LEU C 46 -18.06 38.83 -9.45
N ILE C 47 -16.90 38.55 -10.08
CA ILE C 47 -16.59 37.21 -10.62
C ILE C 47 -16.60 36.22 -9.44
N LEU C 48 -15.97 36.61 -8.32
CA LEU C 48 -15.94 35.79 -7.11
C LEU C 48 -17.34 35.49 -6.57
N THR C 49 -18.19 36.53 -6.41
CA THR C 49 -19.54 36.33 -5.87
C THR C 49 -20.40 35.45 -6.79
N GLU C 50 -20.25 35.58 -8.14
CA GLU C 50 -20.94 34.75 -9.14
C GLU C 50 -20.52 33.27 -8.98
N MET C 51 -19.20 33.03 -8.97
CA MET C 51 -18.62 31.69 -8.85
C MET C 51 -18.95 31.05 -7.50
N ALA C 52 -18.90 31.84 -6.40
CA ALA C 52 -19.23 31.36 -5.05
C ALA C 52 -20.71 31.02 -4.94
N THR C 53 -21.61 31.82 -5.54
CA THR C 53 -23.05 31.53 -5.56
C THR C 53 -23.30 30.22 -6.30
N ASN C 54 -22.66 30.03 -7.47
CA ASN C 54 -22.81 28.79 -8.23
C ASN C 54 -22.26 27.60 -7.45
N HIS C 55 -21.11 27.78 -6.78
CA HIS C 55 -20.52 26.71 -5.98
C HIS C 55 -21.49 26.21 -4.88
N VAL C 56 -22.16 27.15 -4.15
CA VAL C 56 -23.13 26.81 -3.08
C VAL C 56 -24.29 26.00 -3.68
N GLN C 57 -24.85 26.45 -4.82
CA GLN C 57 -25.96 25.77 -5.47
C GLN C 57 -25.61 24.34 -5.84
N VAL C 58 -24.43 24.14 -6.43
CA VAL C 58 -23.92 22.83 -6.81
C VAL C 58 -23.64 21.97 -5.56
N LEU C 59 -23.09 22.59 -4.51
CA LEU C 59 -22.82 21.91 -3.25
C LEU C 59 -24.07 21.36 -2.60
N VAL C 60 -25.17 22.14 -2.58
CA VAL C 60 -26.44 21.70 -2.01
C VAL C 60 -26.96 20.46 -2.77
N GLU C 61 -26.86 20.44 -4.12
CA GLU C 61 -27.28 19.28 -4.91
C GLU C 61 -26.42 18.04 -4.64
N PHE C 62 -25.10 18.24 -4.49
CA PHE C 62 -24.17 17.17 -4.16
C PHE C 62 -24.47 16.60 -2.76
N THR C 63 -24.69 17.49 -1.78
CA THR C 63 -25.00 17.16 -0.38
C THR C 63 -26.30 16.35 -0.27
N LYS C 64 -27.35 16.76 -0.99
CA LYS C 64 -28.64 16.07 -1.01
C LYS C 64 -28.53 14.64 -1.52
N LYS C 65 -27.53 14.36 -2.38
CA LYS C 65 -27.31 13.03 -2.96
C LYS C 65 -26.49 12.14 -2.04
N LEU C 66 -25.83 12.72 -1.01
CA LEU C 66 -25.01 11.90 -0.09
C LEU C 66 -25.88 10.89 0.65
N PRO C 67 -25.51 9.58 0.60
CA PRO C 67 -26.35 8.57 1.25
C PRO C 67 -26.71 8.88 2.69
N GLY C 68 -28.02 8.87 2.96
CA GLY C 68 -28.59 9.14 4.26
C GLY C 68 -28.77 10.60 4.65
N PHE C 69 -28.22 11.55 3.86
CA PHE C 69 -28.32 12.98 4.21
C PHE C 69 -29.76 13.45 4.42
N GLN C 70 -30.68 13.05 3.55
CA GLN C 70 -32.05 13.51 3.65
C GLN C 70 -32.84 12.82 4.78
N THR C 71 -32.25 11.81 5.45
CA THR C 71 -32.87 11.14 6.60
C THR C 71 -32.56 11.94 7.88
N LEU C 72 -31.54 12.81 7.83
CA LEU C 72 -31.12 13.63 8.97
C LEU C 72 -32.14 14.67 9.37
N ASP C 73 -32.08 15.09 10.65
CA ASP C 73 -32.88 16.18 11.22
C ASP C 73 -32.67 17.42 10.32
N HIS C 74 -33.76 18.12 10.00
CA HIS C 74 -33.77 19.28 9.11
C HIS C 74 -32.90 20.44 9.56
N GLU C 75 -32.81 20.70 10.89
CA GLU C 75 -31.97 21.76 11.45
CA GLU C 75 -31.96 21.77 11.41
C GLU C 75 -30.50 21.34 11.33
N ASP C 76 -30.22 20.02 11.51
CA ASP C 76 -28.87 19.49 11.39
C ASP C 76 -28.37 19.56 9.95
N GLN C 77 -29.30 19.39 8.98
CA GLN C 77 -28.98 19.48 7.55
C GLN C 77 -28.45 20.88 7.24
N ILE C 78 -29.14 21.91 7.76
CA ILE C 78 -28.77 23.32 7.60
C ILE C 78 -27.42 23.58 8.27
N ALA C 79 -27.23 23.07 9.50
CA ALA C 79 -25.97 23.22 10.24
C ALA C 79 -24.80 22.59 9.46
N LEU C 80 -25.03 21.42 8.81
CA LEU C 80 -23.97 20.76 8.03
C LEU C 80 -23.59 21.54 6.78
N LEU C 81 -24.60 21.99 6.02
CA LEU C 81 -24.36 22.76 4.80
C LEU C 81 -23.67 24.08 5.11
N LYS C 82 -24.19 24.83 6.09
CA LYS C 82 -23.63 26.10 6.54
C LYS C 82 -22.23 25.94 7.12
N GLY C 83 -22.00 24.87 7.87
CA GLY C 83 -20.70 24.64 8.47
C GLY C 83 -19.61 24.24 7.50
N SER C 84 -19.98 23.65 6.34
CA SER C 84 -19.01 23.14 5.38
C SER C 84 -18.83 23.92 4.06
N ALA C 85 -19.77 24.82 3.73
CA ALA C 85 -19.77 25.53 2.45
C ALA C 85 -18.45 26.22 2.09
N VAL C 86 -17.84 26.99 3.01
CA VAL C 86 -16.57 27.71 2.82
C VAL C 86 -15.39 26.74 2.66
N GLU C 87 -15.30 25.75 3.56
CA GLU C 87 -14.26 24.74 3.48
C GLU C 87 -14.32 23.99 2.14
N ALA C 88 -15.55 23.63 1.70
CA ALA C 88 -15.73 22.92 0.44
C ALA C 88 -15.28 23.79 -0.72
N MET C 89 -15.57 25.10 -0.67
CA MET C 89 -15.12 25.98 -1.74
C MET C 89 -13.60 26.08 -1.83
N PHE C 90 -12.91 26.16 -0.69
CA PHE C 90 -11.45 26.18 -0.68
C PHE C 90 -10.82 24.88 -1.11
N LEU C 91 -11.47 23.76 -0.79
CA LEU C 91 -10.99 22.45 -1.25
C LEU C 91 -11.13 22.35 -2.78
N ARG C 92 -12.28 22.83 -3.34
CA ARG C 92 -12.50 22.83 -4.78
C ARG C 92 -11.52 23.78 -5.46
N SER C 93 -11.21 24.93 -4.83
CA SER C 93 -10.25 25.89 -5.37
C SER C 93 -8.86 25.24 -5.46
N ALA C 94 -8.47 24.44 -4.44
CA ALA C 94 -7.21 23.73 -4.41
C ALA C 94 -7.14 22.72 -5.55
N GLU C 95 -8.24 21.99 -5.78
CA GLU C 95 -8.33 21.01 -6.86
C GLU C 95 -8.10 21.70 -8.21
N ILE C 96 -8.82 22.82 -8.42
CA ILE C 96 -8.73 23.62 -9.65
C ILE C 96 -7.31 24.13 -9.84
N PHE C 97 -6.71 24.70 -8.78
CA PHE C 97 -5.36 25.24 -8.86
C PHE C 97 -4.30 24.20 -9.25
N ASN C 98 -4.48 22.93 -8.83
CA ASN C 98 -3.53 21.86 -9.07
C ASN C 98 -3.75 21.04 -10.35
N LYS C 99 -4.77 21.41 -11.15
CA LYS C 99 -5.03 20.76 -12.44
C LYS C 99 -3.93 21.22 -13.41
N LYS C 100 -3.23 20.26 -14.04
CA LYS C 100 -2.11 20.52 -14.94
C LYS C 100 -2.47 21.42 -16.12
N LEU C 101 -1.70 22.51 -16.29
CA LEU C 101 -1.88 23.49 -17.38
C LEU C 101 -0.60 23.60 -18.22
N PRO C 102 -0.63 24.18 -19.46
CA PRO C 102 0.62 24.32 -20.22
C PRO C 102 1.64 25.21 -19.49
N SER C 103 2.92 25.11 -19.87
CA SER C 103 4.04 25.85 -19.27
C SER C 103 3.73 27.34 -19.07
N GLY C 104 4.03 27.84 -17.87
CA GLY C 104 3.81 29.24 -17.50
C GLY C 104 2.41 29.66 -17.10
N HIS C 105 1.37 28.88 -17.49
CA HIS C 105 -0.04 29.19 -17.21
C HIS C 105 -0.40 29.22 -15.72
N SER C 106 0.07 28.23 -14.94
CA SER C 106 -0.20 28.19 -13.50
C SER C 106 0.42 29.38 -12.78
N ASP C 107 1.60 29.83 -13.24
CA ASP C 107 2.28 31.02 -12.72
C ASP C 107 1.46 32.28 -13.01
N LEU C 108 0.92 32.41 -14.25
CA LEU C 108 0.09 33.55 -14.62
C LEU C 108 -1.20 33.55 -13.82
N LEU C 109 -1.83 32.34 -13.67
CA LEU C 109 -3.05 32.12 -12.90
C LEU C 109 -2.84 32.58 -11.45
N GLU C 110 -1.73 32.15 -10.84
CA GLU C 110 -1.39 32.52 -9.48
C GLU C 110 -1.20 34.05 -9.35
N ALA C 111 -0.42 34.66 -10.25
CA ALA C 111 -0.17 36.09 -10.28
C ALA C 111 -1.48 36.89 -10.45
N ARG C 112 -2.39 36.43 -11.32
CA ARG C 112 -3.69 37.08 -11.55
C ARG C 112 -4.56 37.06 -10.28
N ILE C 113 -4.60 35.92 -9.56
CA ILE C 113 -5.35 35.73 -8.31
C ILE C 113 -4.73 36.58 -7.19
N ARG C 114 -3.39 36.62 -7.08
CA ARG C 114 -2.70 37.43 -6.06
C ARG C 114 -2.96 38.92 -6.22
N ASN C 115 -3.30 39.36 -7.45
CA ASN C 115 -3.62 40.77 -7.74
C ASN C 115 -5.12 41.01 -7.99
N SER C 116 -5.99 40.10 -7.52
CA SER C 116 -7.44 40.19 -7.70
C SER C 116 -8.17 41.23 -6.78
N GLY C 117 -7.50 41.75 -5.76
CA GLY C 117 -8.10 42.70 -4.81
C GLY C 117 -8.05 42.21 -3.37
N ILE C 118 -7.90 40.89 -3.20
CA ILE C 118 -7.77 40.20 -1.91
C ILE C 118 -6.46 40.65 -1.23
N SER C 119 -6.48 40.78 0.11
CA SER C 119 -5.29 41.20 0.87
C SER C 119 -4.26 40.07 0.85
N ASP C 120 -2.96 40.45 0.78
CA ASP C 120 -1.84 39.50 0.77
C ASP C 120 -1.87 38.60 2.01
N GLU C 121 -2.34 39.14 3.15
CA GLU C 121 -2.49 38.49 4.46
C GLU C 121 -3.31 37.19 4.36
N TYR C 122 -4.24 37.12 3.39
CA TYR C 122 -5.15 35.98 3.18
C TYR C 122 -4.81 35.14 1.99
N ILE C 123 -4.37 35.76 0.89
CA ILE C 123 -4.06 35.02 -0.34
C ILE C 123 -2.76 34.17 -0.21
N THR C 124 -1.76 34.60 0.61
CA THR C 124 -0.52 33.80 0.84
C THR C 124 -0.84 32.46 1.59
N PRO C 125 -1.57 32.45 2.75
CA PRO C 125 -1.96 31.16 3.35
C PRO C 125 -2.85 30.32 2.41
N MET C 126 -3.62 30.95 1.47
CA MET C 126 -4.44 30.21 0.51
C MET C 126 -3.56 29.47 -0.49
N PHE C 127 -2.51 30.14 -1.00
CA PHE C 127 -1.60 29.49 -1.94
C PHE C 127 -0.74 28.43 -1.26
N SER C 128 -0.37 28.65 0.01
CA SER C 128 0.38 27.68 0.79
C SER C 128 -0.47 26.41 0.95
N PHE C 129 -1.78 26.55 1.27
CA PHE C 129 -2.72 25.45 1.38
C PHE C 129 -2.88 24.77 0.03
N TYR C 130 -3.06 25.54 -1.08
CA TYR C 130 -3.21 24.95 -2.43
C TYR C 130 -1.99 24.16 -2.84
N LYS C 131 -0.78 24.70 -2.58
CA LYS C 131 0.46 24.02 -2.96
C LYS C 131 0.72 22.78 -2.11
N SER C 132 0.35 22.82 -0.81
CA SER C 132 0.50 21.68 0.09
C SER C 132 -0.49 20.56 -0.25
N ILE C 133 -1.74 20.91 -0.64
CA ILE C 133 -2.77 19.99 -1.13
C ILE C 133 -2.23 19.33 -2.41
N GLY C 134 -1.63 20.13 -3.31
CA GLY C 134 -1.09 19.66 -4.57
C GLY C 134 0.00 18.60 -4.47
N GLU C 135 0.83 18.70 -3.43
CA GLU C 135 1.92 17.76 -3.19
C GLU C 135 1.40 16.34 -2.84
N LEU C 136 0.16 16.25 -2.33
CA LEU C 136 -0.51 14.97 -2.04
C LEU C 136 -0.87 14.23 -3.33
N LYS C 137 -0.93 14.94 -4.47
CA LYS C 137 -1.26 14.42 -5.80
C LYS C 137 -2.55 13.60 -5.74
N MET C 138 -3.59 14.22 -5.15
CA MET C 138 -4.89 13.62 -4.97
C MET C 138 -5.57 13.33 -6.30
N THR C 139 -6.26 12.18 -6.39
CA THR C 139 -7.03 11.79 -7.57
C THR C 139 -8.38 12.50 -7.46
N GLN C 140 -9.17 12.47 -8.54
CA GLN C 140 -10.50 13.07 -8.52
C GLN C 140 -11.40 12.39 -7.46
N GLU C 141 -11.24 11.06 -7.30
CA GLU C 141 -12.00 10.26 -6.33
C GLU C 141 -11.68 10.69 -4.90
N GLU C 142 -10.42 11.02 -4.63
CA GLU C 142 -10.00 11.50 -3.31
C GLU C 142 -10.60 12.87 -3.00
N TYR C 143 -10.64 13.77 -4.00
CA TYR C 143 -11.25 15.09 -3.83
C TYR C 143 -12.75 14.96 -3.54
N ALA C 144 -13.45 14.08 -4.29
CA ALA C 144 -14.89 13.87 -4.13
C ALA C 144 -15.21 13.32 -2.75
N LEU C 145 -14.49 12.27 -2.33
CA LEU C 145 -14.67 11.65 -1.01
C LEU C 145 -14.31 12.63 0.10
N LEU C 146 -13.20 13.34 -0.06
CA LEU C 146 -12.82 14.31 0.97
C LEU C 146 -13.88 15.41 1.12
N THR C 147 -14.49 15.88 0.00
CA THR C 147 -15.56 16.89 0.05
C THR C 147 -16.76 16.35 0.83
N ALA C 148 -17.19 15.11 0.52
CA ALA C 148 -18.29 14.44 1.21
C ALA C 148 -18.00 14.29 2.72
N ILE C 149 -16.75 13.98 3.09
CA ILE C 149 -16.31 13.83 4.49
C ILE C 149 -16.35 15.19 5.23
N VAL C 150 -15.96 16.28 4.55
CA VAL C 150 -16.00 17.65 5.08
C VAL C 150 -17.47 18.01 5.39
N ILE C 151 -18.39 17.73 4.45
CA ILE C 151 -19.81 18.05 4.59
C ILE C 151 -20.41 17.26 5.75
N LEU C 152 -20.10 15.96 5.81
CA LEU C 152 -20.62 15.07 6.85
C LEU C 152 -19.75 15.06 8.11
N SER C 153 -19.35 16.25 8.58
CA SER C 153 -18.54 16.38 9.78
C SER C 153 -19.44 16.36 11.01
N PRO C 154 -19.32 15.32 11.88
CA PRO C 154 -20.20 15.24 13.06
C PRO C 154 -19.85 16.24 14.16
N ASP C 155 -18.65 16.84 14.09
CA ASP C 155 -18.15 17.80 15.08
C ASP C 155 -18.57 19.24 14.80
N ARG C 156 -19.44 19.44 13.80
CA ARG C 156 -19.89 20.78 13.40
C ARG C 156 -20.69 21.45 14.51
N GLN C 157 -20.59 22.78 14.60
CA GLN C 157 -21.29 23.58 15.61
C GLN C 157 -22.81 23.54 15.35
N TYR C 158 -23.57 23.35 16.44
CA TYR C 158 -25.04 23.31 16.55
C TYR C 158 -25.67 21.95 16.18
N ILE C 159 -24.85 20.93 15.82
CA ILE C 159 -25.41 19.61 15.51
C ILE C 159 -26.00 18.97 16.77
N LYS C 160 -27.30 18.63 16.69
CA LYS C 160 -28.02 18.02 17.81
C LYS C 160 -27.68 16.53 17.93
N ASP C 161 -27.71 15.80 16.80
CA ASP C 161 -27.44 14.36 16.76
C ASP C 161 -26.15 14.05 16.00
N ARG C 162 -25.02 14.10 16.74
CA ARG C 162 -23.66 13.84 16.25
C ARG C 162 -23.51 12.42 15.70
N GLU C 163 -24.04 11.41 16.42
CA GLU C 163 -23.94 9.99 16.06
C GLU C 163 -24.57 9.70 14.70
N ALA C 164 -25.73 10.32 14.40
CA ALA C 164 -26.42 10.18 13.11
C ALA C 164 -25.49 10.61 11.96
N VAL C 165 -24.75 11.71 12.16
CA VAL C 165 -23.80 12.24 11.18
C VAL C 165 -22.58 11.31 11.09
N GLU C 166 -22.05 10.85 12.25
CA GLU C 166 -20.89 9.95 12.30
C GLU C 166 -21.14 8.69 11.48
N LYS C 167 -22.35 8.10 11.62
CA LYS C 167 -22.79 6.90 10.90
C LYS C 167 -22.76 7.05 9.38
N LEU C 168 -23.03 8.27 8.89
CA LEU C 168 -23.01 8.57 7.46
C LEU C 168 -21.61 8.85 6.92
N GLN C 169 -20.77 9.46 7.75
CA GLN C 169 -19.39 9.80 7.39
C GLN C 169 -18.50 8.55 7.38
N GLU C 170 -18.71 7.62 8.34
CA GLU C 170 -17.92 6.40 8.54
C GLU C 170 -17.66 5.60 7.24
N PRO C 171 -18.67 5.21 6.41
CA PRO C 171 -18.35 4.46 5.18
C PRO C 171 -17.51 5.24 4.15
N LEU C 172 -17.65 6.56 4.11
CA LEU C 172 -16.88 7.43 3.21
C LEU C 172 -15.41 7.45 3.62
N LEU C 173 -15.15 7.53 4.93
CA LEU C 173 -13.79 7.47 5.49
C LEU C 173 -13.15 6.12 5.18
N ASP C 174 -13.94 5.01 5.27
CA ASP C 174 -13.42 3.68 4.97
CA ASP C 174 -13.42 3.68 4.97
C ASP C 174 -13.04 3.53 3.50
N VAL C 175 -13.86 4.06 2.57
CA VAL C 175 -13.55 4.03 1.13
C VAL C 175 -12.29 4.90 0.88
N LEU C 176 -12.25 6.10 1.45
CA LEU C 176 -11.09 6.99 1.26
C LEU C 176 -9.78 6.34 1.72
N GLN C 177 -9.78 5.71 2.92
CA GLN C 177 -8.62 5.02 3.48
C GLN C 177 -8.12 3.92 2.53
N LYS C 178 -9.05 3.12 1.98
CA LYS C 178 -8.70 2.05 1.05
C LYS C 178 -8.07 2.62 -0.22
N LEU C 179 -8.66 3.69 -0.77
CA LEU C 179 -8.14 4.37 -1.97
C LEU C 179 -6.74 4.91 -1.77
N CYS C 180 -6.48 5.50 -0.58
CA CYS C 180 -5.16 6.03 -0.20
C CYS C 180 -4.10 4.93 -0.22
N LYS C 181 -4.45 3.74 0.29
CA LYS C 181 -3.60 2.55 0.33
C LYS C 181 -3.33 1.99 -1.07
N ILE C 182 -4.29 2.17 -2.00
CA ILE C 182 -4.19 1.69 -3.38
C ILE C 182 -3.42 2.68 -4.28
N HIS C 183 -3.83 3.97 -4.27
CA HIS C 183 -3.20 5.02 -5.07
C HIS C 183 -1.79 5.38 -4.59
N GLN C 184 -1.51 5.22 -3.29
CA GLN C 184 -0.20 5.51 -2.69
C GLN C 184 0.25 4.43 -1.70
N PRO C 185 0.59 3.20 -2.16
CA PRO C 185 1.04 2.17 -1.20
C PRO C 185 2.42 2.47 -0.61
N GLU C 186 3.20 3.33 -1.29
CA GLU C 186 4.54 3.75 -0.86
C GLU C 186 4.50 4.71 0.32
N ASN C 187 3.40 5.50 0.44
CA ASN C 187 3.22 6.49 1.48
C ASN C 187 2.09 6.07 2.45
N PRO C 188 2.44 5.40 3.57
CA PRO C 188 1.41 4.96 4.52
C PRO C 188 0.81 6.11 5.32
N GLN C 189 1.36 7.33 5.15
CA GLN C 189 0.90 8.54 5.84
C GLN C 189 -0.12 9.32 5.02
N HIS C 190 -0.34 8.90 3.75
CA HIS C 190 -1.24 9.60 2.83
C HIS C 190 -2.61 9.88 3.45
N PHE C 191 -3.27 8.84 4.01
CA PHE C 191 -4.60 8.99 4.62
C PHE C 191 -4.57 9.95 5.81
N ALA C 192 -3.61 9.79 6.73
CA ALA C 192 -3.46 10.69 7.88
C ALA C 192 -3.26 12.14 7.43
N CYS C 193 -2.45 12.37 6.35
CA CYS C 193 -2.25 13.70 5.77
C CYS C 193 -3.53 14.30 5.31
N LEU C 194 -4.38 13.51 4.62
CA LEU C 194 -5.66 13.98 4.13
C LEU C 194 -6.56 14.41 5.27
N LEU C 195 -6.62 13.63 6.35
CA LEU C 195 -7.42 13.99 7.53
C LEU C 195 -6.90 15.24 8.23
N GLY C 196 -5.58 15.44 8.20
CA GLY C 196 -4.92 16.61 8.77
C GLY C 196 -5.28 17.86 7.99
N ARG C 197 -5.46 17.72 6.65
CA ARG C 197 -5.87 18.79 5.73
C ARG C 197 -7.24 19.33 6.11
N LEU C 198 -8.08 18.45 6.63
CA LEU C 198 -9.40 18.84 7.05
C LEU C 198 -9.39 19.76 8.25
N THR C 199 -8.45 19.56 9.17
CA THR C 199 -8.27 20.42 10.33
C THR C 199 -7.71 21.76 9.83
N GLU C 200 -6.76 21.70 8.88
CA GLU C 200 -6.14 22.89 8.30
CA GLU C 200 -6.13 22.87 8.26
C GLU C 200 -7.15 23.74 7.53
N LEU C 201 -8.12 23.08 6.85
CA LEU C 201 -9.17 23.72 6.09
C LEU C 201 -10.05 24.59 7.02
N ARG C 202 -10.31 24.10 8.25
CA ARG C 202 -11.13 24.81 9.24
C ARG C 202 -10.61 26.20 9.59
N THR C 203 -9.29 26.46 9.51
CA THR C 203 -8.76 27.80 9.83
C THR C 203 -9.18 28.88 8.81
N PHE C 204 -9.70 28.46 7.63
CA PHE C 204 -10.19 29.41 6.63
C PHE C 204 -11.55 30.01 7.02
N ASN C 205 -12.32 29.36 7.91
CA ASN C 205 -13.63 29.86 8.38
C ASN C 205 -13.46 31.02 9.33
N HIS C 206 -12.37 30.99 10.09
CA HIS C 206 -12.07 31.95 11.14
C HIS C 206 -12.00 33.36 10.62
N HIS C 207 -11.40 33.57 9.42
CA HIS C 207 -11.28 34.92 8.90
C HIS C 207 -11.93 35.15 7.54
N HIS C 208 -12.85 34.26 7.14
CA HIS C 208 -13.56 34.35 5.86
C HIS C 208 -14.26 35.69 5.64
N ALA C 209 -15.04 36.16 6.64
CA ALA C 209 -15.77 37.43 6.57
C ALA C 209 -14.82 38.63 6.48
N GLU C 210 -13.72 38.62 7.27
CA GLU C 210 -12.69 39.66 7.33
C GLU C 210 -11.99 39.81 5.98
N MET C 211 -11.68 38.69 5.35
CA MET C 211 -11.00 38.60 4.06
C MET C 211 -11.90 39.19 2.95
N LEU C 212 -13.19 38.84 2.93
CA LEU C 212 -14.15 39.35 1.94
C LEU C 212 -14.38 40.85 2.09
N MET C 213 -14.52 41.32 3.34
CA MET C 213 -14.78 42.73 3.61
C MET C 213 -13.53 43.61 3.42
N SER C 214 -12.33 43.01 3.43
CA SER C 214 -11.07 43.73 3.22
C SER C 214 -10.61 43.71 1.75
N TRP C 215 -11.40 43.07 0.86
CA TRP C 215 -11.16 43.02 -0.60
C TRP C 215 -11.16 44.48 -1.08
N ARG C 216 -10.18 44.87 -1.91
CA ARG C 216 -10.01 46.26 -2.41
C ARG C 216 -11.12 46.72 -3.36
N VAL C 217 -12.33 46.89 -2.81
CA VAL C 217 -13.55 47.31 -3.49
C VAL C 217 -14.30 48.27 -2.52
N ASN C 218 -14.91 49.34 -3.06
CA ASN C 218 -15.63 50.33 -2.24
C ASN C 218 -16.90 49.75 -1.61
N ASP C 219 -17.60 48.88 -2.36
CA ASP C 219 -18.84 48.23 -1.92
C ASP C 219 -18.73 46.71 -2.04
N HIS C 220 -19.16 46.02 -0.97
CA HIS C 220 -19.13 44.57 -0.89
C HIS C 220 -20.56 44.05 -0.93
N LYS C 221 -21.09 43.87 -2.15
CA LYS C 221 -22.45 43.38 -2.38
C LYS C 221 -22.39 41.87 -2.52
N PHE C 222 -23.28 41.17 -1.80
CA PHE C 222 -23.39 39.72 -1.84
C PHE C 222 -24.82 39.36 -2.22
N THR C 223 -25.02 38.22 -2.89
CA THR C 223 -26.34 37.71 -3.30
C THR C 223 -27.07 37.23 -2.04
N PRO C 224 -28.43 37.25 -1.98
CA PRO C 224 -29.12 36.72 -0.79
C PRO C 224 -28.68 35.32 -0.35
N LEU C 225 -28.40 34.40 -1.32
CA LEU C 225 -27.93 33.05 -0.99
C LEU C 225 -26.56 33.10 -0.32
N LEU C 226 -25.62 33.92 -0.84
CA LEU C 226 -24.29 34.06 -0.24
C LEU C 226 -24.37 34.64 1.17
N CYS C 227 -25.33 35.54 1.44
CA CYS C 227 -25.56 36.16 2.75
C CYS C 227 -25.97 35.13 3.79
N GLU C 228 -26.71 34.12 3.35
CA GLU C 228 -27.14 33.02 4.21
C GLU C 228 -26.00 32.09 4.56
N ILE C 229 -25.09 31.84 3.61
CA ILE C 229 -24.02 30.88 3.79
C ILE C 229 -22.77 31.51 4.44
N TRP C 230 -22.42 32.75 4.11
CA TRP C 230 -21.22 33.42 4.60
C TRP C 230 -21.41 34.30 5.84
N ASP C 231 -22.67 34.58 6.21
CA ASP C 231 -23.02 35.44 7.36
C ASP C 231 -22.50 36.88 7.17
N VAL C 232 -22.55 37.38 5.92
CA VAL C 232 -22.12 38.73 5.53
C VAL C 232 -23.32 39.64 5.24
N GLN C 233 -23.07 40.97 5.10
CA GLN C 233 -24.05 42.04 4.80
C GLN C 233 -25.23 42.07 5.76
N HIS D 3 -32.37 31.26 6.84
CA HIS D 3 -31.87 30.27 5.89
CA HIS D 3 -31.91 30.19 5.96
C HIS D 3 -33.01 29.71 4.99
N GLN D 4 -33.89 30.63 4.56
CA GLN D 4 -35.05 30.40 3.69
C GLN D 4 -34.69 29.80 2.32
N LEU D 5 -33.61 30.31 1.68
CA LEU D 5 -33.12 29.83 0.38
C LEU D 5 -32.45 28.46 0.48
N LEU D 6 -31.65 28.24 1.54
CA LEU D 6 -31.00 26.96 1.80
C LEU D 6 -32.09 25.90 2.00
N ARG D 7 -33.14 26.23 2.79
CA ARG D 7 -34.26 25.33 3.07
C ARG D 7 -34.97 24.96 1.77
N TYR D 8 -35.22 25.95 0.89
CA TYR D 8 -35.84 25.73 -0.41
C TYR D 8 -34.97 24.81 -1.29
N LEU D 9 -33.65 25.05 -1.32
CA LEU D 9 -32.73 24.22 -2.13
C LEU D 9 -32.70 22.79 -1.62
N LEU D 10 -32.82 22.61 -0.30
CA LEU D 10 -32.82 21.29 0.32
C LEU D 10 -34.11 20.53 0.11
N ASP D 11 -35.26 21.23 0.16
CA ASP D 11 -36.58 20.60 0.08
C ASP D 11 -37.16 20.46 -1.32
N LYS D 12 -36.56 21.11 -2.35
CA LYS D 12 -37.07 21.04 -3.73
C LYS D 12 -36.92 19.65 -4.37
N ASP D 13 -36.02 18.78 -3.82
CA ASP D 13 -35.75 17.39 -4.24
C ASP D 13 -35.34 17.23 -5.71
N1 9MM E . 9.65 -13.30 -2.42
N3 9MM E . 9.55 -13.61 -0.19
C4 9MM E . 10.65 -12.51 -1.87
C5 9MM E . 10.58 -12.71 -0.49
C6 9MM E . 11.58 -11.65 -2.45
C7 9MM E . 9.27 -13.47 -3.88
C8 9MM E . 11.47 -12.03 0.35
C10 9MM E . 15.93 -17.41 -5.00
C13 9MM E . 14.56 -16.89 -4.72
C15 9MM E . 13.14 -15.39 -3.53
C17 9MM E . 12.02 -15.87 -4.18
C20 9MM E . 13.44 -17.38 -5.40
C21 9MM E . 12.17 -16.88 -5.13
C22 9MM E . 8.78 -12.16 -4.50
C24 9MM E . 8.14 -16.19 -1.90
C14 9MM E . 10.45 -14.11 -4.62
O18 9MM E . 10.83 -15.28 -3.83
C16 9MM E . 14.41 -15.88 -3.78
F27 9MM E . 12.99 -14.42 -2.61
O19 9MM E . 16.00 -18.30 -5.94
O28 9MM E . 16.90 -17.02 -4.39
C33 9MM E . 8.25 -12.38 -5.93
C35 9MM E . 7.77 -11.07 -6.58
C37 9MM E . 6.70 -10.39 -5.74
C36 9MM E . 7.19 -10.17 -4.29
C34 9MM E . 7.70 -11.49 -3.65
C9 9MM E . 12.45 -11.01 -1.62
C12 9MM E . 12.39 -11.20 -0.24
C2 9MM E . 9.02 -13.93 -1.37
C11 9MM E . 7.91 -14.86 -1.54
C23 9MM E . 6.59 -14.45 -1.36
C31 9MM E . 5.53 -15.34 -1.54
C29 9MM E . 5.80 -16.65 -1.89
C30 9MM E . 7.10 -17.09 -2.07
CL32 9MM E . 4.49 -17.76 -2.12
F26 9MM E . 13.27 -10.53 0.53
F25 9MM E . 13.38 -10.17 -2.13
N1 9MM F . -10.49 31.35 -6.79
N3 9MM F . -8.97 30.38 -5.43
C4 9MM F . -9.70 30.56 -7.60
C5 9MM F . -8.75 29.97 -6.75
C6 9MM F . -9.73 30.33 -8.95
C7 9MM F . -11.71 32.24 -7.18
C8 9MM F . -7.80 29.10 -7.27
C10 9MM F . -16.45 26.00 -8.36
C13 9MM F . -15.56 27.14 -8.01
C15 9MM F . -14.33 28.41 -6.40
C17 9MM F . -13.89 29.30 -7.36
C20 9MM F . -15.13 28.03 -9.00
C21 9MM F . -14.30 29.10 -8.68
C22 9MM F . -11.26 33.45 -8.01
C24 9MM F . -11.82 31.46 -3.84
C14 9MM F . -12.80 31.40 -7.84
O18 9MM F . -13.07 30.32 -6.91
C16 9MM F . -15.15 27.34 -6.68
F27 9MM F . -13.93 28.60 -5.13
O19 9MM F . -16.40 24.98 -7.54
O28 9MM F . -17.17 26.01 -9.35
C33 9MM F . -12.44 34.41 -8.30
C35 9MM F . -11.99 35.62 -9.14
C37 9MM F . -10.87 36.39 -8.45
C36 9MM F . -9.66 35.47 -8.13
C34 9MM F . -10.11 34.22 -7.31
C9 9MM F . -8.78 29.48 -9.45
C12 9MM F . -7.83 28.88 -8.63
C2 9MM F . -10.01 31.20 -5.51
C11 9MM F . -10.60 31.88 -4.36
C23 9MM F . -9.97 32.99 -3.78
C31 9MM F . -10.54 33.63 -2.68
C29 9MM F . -11.76 33.19 -2.20
C30 9MM F . -12.40 32.10 -2.76
CL32 9MM F . -12.48 33.98 -0.86
F26 9MM F . -6.94 28.06 -9.19
F25 9MM F . -8.76 29.21 -10.77
#